data_1DOE
#
_entry.id   1DOE
#
_cell.length_a   71.900
_cell.length_b   146.440
_cell.length_c   88.250
_cell.angle_alpha   90.00
_cell.angle_beta   90.00
_cell.angle_gamma   90.00
#
_symmetry.space_group_name_H-M   'C 2 2 21'
#
loop_
_entity.id
_entity.type
_entity.pdbx_description
1 polymer 'P-HYDROXYBENZOATE HYDROXYLASE'
2 non-polymer 'BROMIDE ION'
3 non-polymer 'FLAVIN-ADENINE DINUCLEOTIDE'
4 non-polymer '2,4-DIHYDROXYBENZOIC ACID'
5 water water
#
_entity_poly.entity_id   1
_entity_poly.type   'polypeptide(L)'
_entity_poly.pdbx_seq_one_letter_code
;MKTQVAIIGAGPSGLLLGQLLHKAGIDNVILERQTPDYVLGRIRAGVLEQGMVDLLREAGVDRRMARDGLVHEGVEIAFA
GQRRRIDLKRLSGGKTVTVYGQTEVTRDLMEAREACGATTVYQAAEVRLHDLQGERPYVTFERDGERLRLDCDYIAGCDG
FHGISRQSIPAERLKVFERVYPFGWLGLLADTPPVSHELIYANHPRGFALCSQRSATRSRYYVQVPLSEKVEDWSDERFW
TELKARLPSEVAEKLVTGPSLEKSIAPLRSFVVEPMQHGRLFLAGDAAHIVPPTGAKGLNLAASDVSTLYRLLLKAYREG
RGELLERYSAICLRRIWKAERFSWWMTSVLHRFPDTDAFSQRIQQTELEYYLGSEAGLATIAENYVGLPYEEIE
;
_entity_poly.pdbx_strand_id   A
#
loop_
_chem_comp.id
_chem_comp.type
_chem_comp.name
_chem_comp.formula
BR non-polymer 'BROMIDE ION' 'Br -1'
DOB non-polymer '2,4-DIHYDROXYBENZOIC ACID' 'C7 H6 O4'
FAD non-polymer 'FLAVIN-ADENINE DINUCLEOTIDE' 'C27 H33 N9 O15 P2'
#
# COMPACT_ATOMS: atom_id res chain seq x y z
N MET A 1 32.09 -2.85 -6.97
CA MET A 1 31.15 -1.85 -6.37
C MET A 1 30.71 -2.41 -5.03
N LYS A 2 30.61 -1.59 -3.99
CA LYS A 2 30.28 -2.12 -2.66
C LYS A 2 29.45 -1.21 -1.79
N THR A 3 28.55 -1.81 -1.01
CA THR A 3 27.70 -1.04 -0.12
C THR A 3 27.39 -1.89 1.11
N GLN A 4 26.63 -1.33 2.04
CA GLN A 4 26.27 -2.07 3.22
C GLN A 4 24.95 -2.81 2.98
N VAL A 5 23.93 -2.06 2.56
CA VAL A 5 22.62 -2.65 2.30
C VAL A 5 22.18 -2.41 0.85
N ALA A 6 21.99 -3.49 0.10
CA ALA A 6 21.53 -3.37 -1.27
C ALA A 6 19.99 -3.37 -1.26
N ILE A 7 19.38 -2.43 -1.97
CA ILE A 7 17.93 -2.34 -2.03
C ILE A 7 17.44 -2.52 -3.46
N ILE A 8 16.60 -3.53 -3.66
CA ILE A 8 16.05 -3.82 -4.97
C ILE A 8 14.70 -3.13 -5.06
N GLY A 9 14.59 -2.14 -5.94
CA GLY A 9 13.32 -1.46 -6.11
C GLY A 9 13.20 -0.08 -5.51
N ALA A 10 12.79 0.84 -6.35
CA ALA A 10 12.64 2.24 -5.93
C ALA A 10 11.21 2.73 -5.81
N GLY A 11 10.30 1.90 -5.27
CA GLY A 11 8.96 2.38 -5.06
C GLY A 11 9.02 2.94 -3.63
N PRO A 12 7.86 3.19 -2.99
CA PRO A 12 7.79 3.70 -1.62
C PRO A 12 8.70 2.91 -0.63
N SER A 13 8.56 1.58 -0.60
CA SER A 13 9.39 0.73 0.29
C SER A 13 10.89 0.98 0.18
N GLY A 14 11.44 0.72 -1.01
CA GLY A 14 12.85 0.91 -1.23
C GLY A 14 13.34 2.30 -0.90
N LEU A 15 12.64 3.33 -1.37
CA LEU A 15 13.07 4.71 -1.12
C LEU A 15 12.97 5.01 0.36
N LEU A 16 11.86 4.68 1.00
CA LEU A 16 11.71 4.96 2.43
C LEU A 16 12.79 4.26 3.25
N LEU A 17 13.01 2.98 2.99
CA LEU A 17 14.03 2.23 3.71
C LEU A 17 15.39 2.91 3.51
N GLY A 18 15.71 3.18 2.25
CA GLY A 18 16.97 3.81 1.90
C GLY A 18 17.18 5.15 2.55
N GLN A 19 16.13 5.96 2.63
CA GLN A 19 16.21 7.27 3.25
C GLN A 19 16.48 7.17 4.75
N LEU A 20 15.76 6.26 5.41
CA LEU A 20 15.92 6.04 6.83
C LEU A 20 17.35 5.61 7.09
N LEU A 21 17.80 4.63 6.34
CA LEU A 21 19.15 4.11 6.52
C LEU A 21 20.22 5.16 6.32
N HIS A 22 20.05 5.94 5.27
CA HIS A 22 21.02 6.97 4.98
C HIS A 22 21.12 7.95 6.13
N LYS A 23 20.00 8.46 6.62
CA LYS A 23 20.05 9.41 7.72
C LYS A 23 20.77 8.87 8.98
N ALA A 24 20.77 7.55 9.14
CA ALA A 24 21.41 6.94 10.29
C ALA A 24 22.86 6.59 10.05
N GLY A 25 23.35 6.78 8.82
CA GLY A 25 24.74 6.49 8.52
C GLY A 25 25.04 5.12 7.96
N ILE A 26 24.00 4.44 7.46
CA ILE A 26 24.18 3.13 6.87
C ILE A 26 24.11 3.22 5.35
N ASP A 27 25.24 2.95 4.70
CA ASP A 27 25.27 3.05 3.25
C ASP A 27 24.33 2.08 2.62
N ASN A 28 23.68 2.54 1.55
CA ASN A 28 22.70 1.72 0.84
C ASN A 28 22.62 2.15 -0.60
N VAL A 29 22.46 1.18 -1.50
CA VAL A 29 22.34 1.44 -2.93
C VAL A 29 21.01 0.88 -3.40
N ILE A 30 20.27 1.62 -4.21
CA ILE A 30 19.00 1.12 -4.73
C ILE A 30 19.10 0.76 -6.22
N LEU A 31 18.56 -0.40 -6.58
CA LEU A 31 18.55 -0.82 -7.98
C LEU A 31 17.09 -0.79 -8.45
N GLU A 32 16.80 -0.02 -9.49
CA GLU A 32 15.45 0.05 -10.01
C GLU A 32 15.45 -0.32 -11.49
N ARG A 33 14.55 -1.23 -11.87
CA ARG A 33 14.40 -1.72 -13.24
C ARG A 33 13.89 -0.65 -14.22
N GLN A 34 13.01 0.22 -13.74
CA GLN A 34 12.43 1.28 -14.58
C GLN A 34 13.17 2.62 -14.53
N THR A 35 12.60 3.59 -15.23
CA THR A 35 13.13 4.94 -15.24
C THR A 35 12.35 5.67 -14.15
N PRO A 36 12.89 6.79 -13.66
CA PRO A 36 12.24 7.58 -12.62
C PRO A 36 10.87 8.06 -13.05
N ASP A 37 10.75 8.36 -14.33
CA ASP A 37 9.50 8.87 -14.85
C ASP A 37 8.42 7.81 -14.85
N TYR A 38 8.80 6.56 -15.11
CA TYR A 38 7.85 5.46 -15.13
C TYR A 38 7.32 5.24 -13.71
N VAL A 39 8.21 5.20 -12.75
CA VAL A 39 7.82 5.01 -11.37
C VAL A 39 6.88 6.16 -10.97
N LEU A 40 7.23 7.38 -11.36
CA LEU A 40 6.43 8.54 -11.03
C LEU A 40 5.03 8.60 -11.72
N GLY A 41 4.83 7.75 -12.72
CA GLY A 41 3.56 7.75 -13.42
C GLY A 41 2.52 6.88 -12.80
N ARG A 42 2.86 6.14 -11.74
CA ARG A 42 1.91 5.24 -11.10
C ARG A 42 0.99 5.98 -10.13
N ILE A 43 -0.31 5.85 -10.36
CA ILE A 43 -1.31 6.47 -9.50
C ILE A 43 -1.80 5.28 -8.70
N ARG A 44 -1.69 5.33 -7.38
CA ARG A 44 -2.15 4.18 -6.65
C ARG A 44 -2.93 4.56 -5.41
N ALA A 45 -2.27 4.42 -4.27
CA ALA A 45 -2.80 4.68 -2.95
C ALA A 45 -2.95 6.14 -2.59
N GLY A 46 -3.85 6.43 -1.67
CA GLY A 46 -4.02 7.80 -1.24
C GLY A 46 -4.17 7.96 0.26
N VAL A 47 -4.39 6.86 0.98
CA VAL A 47 -4.61 6.95 2.42
C VAL A 47 -3.42 6.48 3.26
N LEU A 48 -2.95 7.36 4.13
CA LEU A 48 -1.81 7.07 4.99
C LEU A 48 -2.20 7.06 6.45
N GLU A 49 -1.72 6.05 7.17
CA GLU A 49 -1.95 5.89 8.62
C GLU A 49 -1.03 6.79 9.41
N GLN A 50 -1.34 6.95 10.69
CA GLN A 50 -0.55 7.79 11.57
C GLN A 50 0.87 7.31 11.61
N GLY A 51 1.02 5.99 11.73
CA GLY A 51 2.33 5.40 11.80
C GLY A 51 3.18 5.73 10.60
N MET A 52 2.56 5.75 9.43
CA MET A 52 3.32 6.05 8.23
C MET A 52 3.68 7.54 8.18
N VAL A 53 2.77 8.38 8.65
CA VAL A 53 2.99 9.81 8.68
C VAL A 53 4.19 10.15 9.58
N ASP A 54 4.37 9.39 10.66
CA ASP A 54 5.50 9.61 11.56
C ASP A 54 6.82 9.11 11.00
N LEU A 55 6.77 8.07 10.20
CA LEU A 55 7.96 7.50 9.60
C LEU A 55 8.47 8.48 8.52
N LEU A 56 7.55 9.20 7.88
CA LEU A 56 7.92 10.16 6.85
C LEU A 56 8.64 11.31 7.53
N ARG A 57 8.11 11.74 8.67
CA ARG A 57 8.71 12.83 9.45
C ARG A 57 10.11 12.41 9.95
N GLU A 58 10.21 11.18 10.41
CA GLU A 58 11.48 10.66 10.89
C GLU A 58 12.51 10.64 9.75
N ALA A 59 12.07 10.34 8.54
CA ALA A 59 12.98 10.30 7.41
C ALA A 59 13.26 11.73 6.93
N GLY A 60 12.66 12.71 7.62
CA GLY A 60 12.83 14.12 7.31
C GLY A 60 12.21 14.50 5.98
N VAL A 61 11.26 13.71 5.52
CA VAL A 61 10.64 13.97 4.23
C VAL A 61 9.17 14.28 4.41
N ASP A 62 8.87 15.25 5.26
CA ASP A 62 7.46 15.56 5.51
C ASP A 62 6.98 16.99 5.29
N ARG A 63 7.86 17.87 4.81
CA ARG A 63 7.47 19.25 4.61
C ARG A 63 6.25 19.41 3.70
N ARG A 64 6.35 18.90 2.48
CA ARG A 64 5.25 19.00 1.51
C ARG A 64 4.00 18.30 2.04
N MET A 65 4.15 17.14 2.66
CA MET A 65 2.99 16.44 3.19
C MET A 65 2.28 17.24 4.27
N ALA A 66 3.04 17.82 5.18
CA ALA A 66 2.45 18.60 6.27
C ALA A 66 1.70 19.81 5.70
N ARG A 67 2.05 20.22 4.49
CA ARG A 67 1.41 21.35 3.84
C ARG A 67 0.16 20.99 3.05
N ASP A 68 0.30 20.02 2.15
CA ASP A 68 -0.77 19.58 1.25
C ASP A 68 -1.67 18.41 1.62
N GLY A 69 -1.21 17.56 2.52
CA GLY A 69 -2.00 16.41 2.89
C GLY A 69 -3.26 16.83 3.59
N LEU A 70 -4.33 16.06 3.44
CA LEU A 70 -5.59 16.33 4.10
C LEU A 70 -5.73 15.37 5.29
N VAL A 71 -5.96 15.88 6.49
CA VAL A 71 -6.16 15.03 7.67
C VAL A 71 -7.67 14.73 7.72
N HIS A 72 -8.05 13.46 7.69
CA HIS A 72 -9.47 13.08 7.77
C HIS A 72 -9.77 12.49 9.13
N GLU A 73 -10.92 12.86 9.68
CA GLU A 73 -11.34 12.38 10.99
C GLU A 73 -12.43 11.34 10.94
N GLY A 74 -12.95 11.08 9.74
CA GLY A 74 -13.99 10.08 9.59
C GLY A 74 -14.07 9.61 8.13
N VAL A 75 -14.85 8.55 7.87
CA VAL A 75 -15.09 7.97 6.54
C VAL A 75 -16.58 7.60 6.57
N GLU A 76 -17.22 7.56 5.42
CA GLU A 76 -18.63 7.22 5.38
C GLU A 76 -18.82 5.92 4.67
N ILE A 77 -19.88 5.22 5.04
CA ILE A 77 -20.21 3.98 4.42
C ILE A 77 -21.68 4.06 4.07
N ALA A 78 -21.98 3.89 2.79
CA ALA A 78 -23.34 3.94 2.36
C ALA A 78 -23.80 2.56 1.92
N PHE A 79 -24.93 2.14 2.44
CA PHE A 79 -25.50 0.86 2.05
C PHE A 79 -27.01 1.04 2.19
N ALA A 80 -27.77 0.38 1.32
CA ALA A 80 -29.25 0.44 1.35
C ALA A 80 -29.84 1.84 1.51
N GLY A 81 -29.35 2.79 0.72
CA GLY A 81 -29.87 4.14 0.78
C GLY A 81 -29.38 5.09 1.88
N GLN A 82 -28.85 4.55 2.97
CA GLN A 82 -28.38 5.40 4.05
C GLN A 82 -26.88 5.55 4.09
N ARG A 83 -26.42 6.65 4.65
CA ARG A 83 -25.01 6.95 4.77
C ARG A 83 -24.69 6.97 6.25
N ARG A 84 -23.74 6.15 6.67
CA ARG A 84 -23.34 6.08 8.07
C ARG A 84 -21.87 6.53 8.17
N ARG A 85 -21.60 7.48 9.07
CA ARG A 85 -20.26 7.99 9.27
C ARG A 85 -19.55 7.32 10.43
N ILE A 86 -18.28 6.95 10.23
CA ILE A 86 -17.51 6.35 11.32
C ILE A 86 -16.60 7.49 11.79
N ASP A 87 -16.73 7.91 13.05
CA ASP A 87 -15.88 8.96 13.58
C ASP A 87 -14.58 8.27 13.99
N LEU A 88 -13.57 8.27 13.12
CA LEU A 88 -12.30 7.62 13.43
C LEU A 88 -11.67 8.24 14.66
N LYS A 89 -11.59 9.55 14.68
CA LYS A 89 -10.97 10.23 15.80
C LYS A 89 -11.58 9.88 17.16
N ARG A 90 -12.90 9.98 17.26
CA ARG A 90 -13.59 9.70 18.53
C ARG A 90 -13.48 8.22 18.90
N LEU A 91 -13.70 7.35 17.91
CA LEU A 91 -13.67 5.92 18.13
C LEU A 91 -12.30 5.26 18.30
N SER A 92 -11.24 5.87 17.80
CA SER A 92 -9.94 5.22 17.95
C SER A 92 -9.10 5.79 19.08
N GLY A 93 -9.65 6.79 19.77
CA GLY A 93 -8.92 7.42 20.84
C GLY A 93 -8.10 8.59 20.33
N GLY A 94 -8.57 9.23 19.27
CA GLY A 94 -7.89 10.37 18.71
C GLY A 94 -6.99 10.20 17.49
N LYS A 95 -6.94 9.03 16.88
CA LYS A 95 -6.08 8.90 15.70
C LYS A 95 -6.87 9.31 14.46
N THR A 96 -6.14 9.70 13.42
CA THR A 96 -6.76 10.13 12.17
C THR A 96 -5.94 9.49 11.05
N VAL A 97 -6.37 9.66 9.80
CA VAL A 97 -5.57 9.17 8.68
C VAL A 97 -5.32 10.42 7.84
N THR A 98 -4.31 10.35 6.99
CA THR A 98 -3.95 11.47 6.15
C THR A 98 -4.02 11.04 4.68
N VAL A 99 -4.75 11.82 3.87
CA VAL A 99 -4.89 11.57 2.44
C VAL A 99 -3.80 12.40 1.74
N TYR A 100 -2.88 11.71 1.07
CA TYR A 100 -1.78 12.32 0.36
C TYR A 100 -1.39 11.21 -0.61
N GLY A 101 -1.46 11.48 -1.91
CA GLY A 101 -1.18 10.46 -2.91
C GLY A 101 0.15 9.74 -2.85
N GLN A 102 0.14 8.49 -3.28
CA GLN A 102 1.36 7.68 -3.28
C GLN A 102 2.40 8.28 -4.21
N THR A 103 1.96 8.89 -5.31
CA THR A 103 2.85 9.50 -6.29
C THR A 103 3.63 10.63 -5.64
N GLU A 104 2.97 11.35 -4.75
CA GLU A 104 3.55 12.46 -4.03
C GLU A 104 4.63 12.01 -3.06
N VAL A 105 4.31 11.00 -2.28
CA VAL A 105 5.25 10.43 -1.34
C VAL A 105 6.46 9.97 -2.12
N THR A 106 6.25 9.22 -3.18
CA THR A 106 7.37 8.74 -3.98
C THR A 106 8.24 9.91 -4.48
N ARG A 107 7.60 10.97 -4.96
CA ARG A 107 8.28 12.17 -5.45
C ARG A 107 9.05 12.89 -4.35
N ASP A 108 8.49 12.94 -3.16
CA ASP A 108 9.16 13.59 -2.06
C ASP A 108 10.42 12.85 -1.68
N LEU A 109 10.34 11.52 -1.66
CA LEU A 109 11.48 10.68 -1.32
C LEU A 109 12.56 10.70 -2.40
N MET A 110 12.16 10.64 -3.66
CA MET A 110 13.12 10.64 -4.77
C MET A 110 13.96 11.90 -4.77
N GLU A 111 13.31 13.02 -4.43
CA GLU A 111 13.91 14.36 -4.34
C GLU A 111 14.88 14.39 -3.16
N ALA A 112 14.42 13.89 -2.04
CA ALA A 112 15.22 13.83 -0.83
C ALA A 112 16.45 12.96 -1.08
N ARG A 113 16.28 11.86 -1.81
CA ARG A 113 17.41 10.96 -2.08
C ARG A 113 18.42 11.64 -2.97
N GLU A 114 17.94 12.36 -3.99
CA GLU A 114 18.82 13.07 -4.91
C GLU A 114 19.67 14.11 -4.19
N ALA A 115 19.02 14.94 -3.39
CA ALA A 115 19.70 15.98 -2.64
C ALA A 115 20.81 15.46 -1.75
N CYS A 116 20.57 14.37 -1.03
CA CYS A 116 21.58 13.82 -0.12
C CYS A 116 22.69 13.06 -0.86
N GLY A 117 22.50 12.86 -2.15
CA GLY A 117 23.50 12.17 -2.96
C GLY A 117 23.66 10.66 -2.86
N ALA A 118 22.72 9.96 -2.24
CA ALA A 118 22.85 8.51 -2.13
C ALA A 118 22.70 7.86 -3.49
N THR A 119 23.29 6.69 -3.65
CA THR A 119 23.29 5.95 -4.90
C THR A 119 21.98 5.30 -5.31
N THR A 120 21.49 5.63 -6.49
CA THR A 120 20.28 5.02 -7.03
C THR A 120 20.62 4.65 -8.48
N VAL A 121 20.47 3.39 -8.87
CA VAL A 121 20.75 3.01 -10.26
C VAL A 121 19.47 2.63 -11.01
N TYR A 122 18.95 3.51 -11.85
CA TYR A 122 17.75 3.20 -12.61
C TYR A 122 18.15 2.44 -13.84
N GLN A 123 17.17 1.79 -14.44
CA GLN A 123 17.40 0.97 -15.62
C GLN A 123 18.44 -0.11 -15.32
N ALA A 124 18.39 -0.62 -14.10
CA ALA A 124 19.26 -1.71 -13.65
C ALA A 124 18.56 -2.93 -14.23
N ALA A 125 19.11 -3.45 -15.31
CA ALA A 125 18.53 -4.59 -15.99
C ALA A 125 18.99 -5.93 -15.48
N GLU A 126 18.13 -6.92 -15.66
CA GLU A 126 18.42 -8.29 -15.25
C GLU A 126 19.07 -8.40 -13.87
N VAL A 127 18.41 -7.89 -12.83
CA VAL A 127 18.98 -7.98 -11.48
C VAL A 127 18.98 -9.44 -11.00
N ARG A 128 20.10 -9.90 -10.43
CA ARG A 128 20.19 -11.26 -9.91
C ARG A 128 20.81 -11.23 -8.53
N LEU A 129 20.36 -12.13 -7.66
CA LEU A 129 20.82 -12.22 -6.29
C LEU A 129 21.65 -13.49 -6.14
N HIS A 130 22.78 -13.41 -5.44
CA HIS A 130 23.68 -14.55 -5.26
C HIS A 130 24.26 -14.65 -3.86
N ASP A 131 24.61 -15.88 -3.44
CA ASP A 131 25.21 -16.10 -2.12
C ASP A 131 24.37 -15.59 -0.96
N LEU A 132 23.06 -15.76 -1.06
CA LEU A 132 22.14 -15.29 -0.02
C LEU A 132 22.41 -15.84 1.37
N GLN A 133 23.00 -17.03 1.46
CA GLN A 133 23.28 -17.63 2.75
C GLN A 133 24.73 -17.48 3.21
N GLY A 134 25.56 -16.83 2.40
CA GLY A 134 26.94 -16.64 2.78
C GLY A 134 27.07 -15.44 3.70
N GLU A 135 28.30 -15.03 3.96
CA GLU A 135 28.54 -13.87 4.79
C GLU A 135 28.57 -12.62 3.90
N ARG A 136 28.84 -12.85 2.61
CA ARG A 136 28.91 -11.78 1.63
C ARG A 136 28.07 -12.02 0.40
N PRO A 137 26.76 -11.70 0.46
CA PRO A 137 25.91 -11.89 -0.71
C PRO A 137 26.23 -10.77 -1.72
N TYR A 138 25.87 -10.94 -2.98
CA TYR A 138 26.12 -9.88 -3.94
C TYR A 138 25.02 -9.84 -4.97
N VAL A 139 24.93 -8.73 -5.70
CA VAL A 139 23.91 -8.54 -6.71
C VAL A 139 24.62 -8.26 -8.03
N THR A 140 24.09 -8.79 -9.11
CA THR A 140 24.64 -8.52 -10.43
C THR A 140 23.50 -7.94 -11.22
N PHE A 141 23.82 -7.04 -12.13
CA PHE A 141 22.83 -6.39 -12.98
C PHE A 141 23.53 -5.84 -14.21
N GLU A 142 22.73 -5.33 -15.14
CA GLU A 142 23.24 -4.78 -16.38
C GLU A 142 22.84 -3.32 -16.54
N ARG A 143 23.84 -2.47 -16.72
CA ARG A 143 23.61 -1.07 -16.93
C ARG A 143 24.14 -0.87 -18.35
N ASP A 144 23.22 -0.55 -19.25
CA ASP A 144 23.48 -0.36 -20.68
C ASP A 144 24.37 -1.40 -21.36
N GLY A 145 24.10 -2.67 -21.08
CA GLY A 145 24.85 -3.75 -21.70
C GLY A 145 25.91 -4.52 -20.93
N GLU A 146 26.65 -3.85 -20.05
CA GLU A 146 27.68 -4.55 -19.29
C GLU A 146 27.20 -4.95 -17.93
N ARG A 147 27.62 -6.14 -17.56
CA ARG A 147 27.25 -6.75 -16.31
C ARG A 147 28.12 -6.24 -15.16
N LEU A 148 27.49 -5.65 -14.15
CA LEU A 148 28.22 -5.14 -13.01
C LEU A 148 27.82 -5.90 -11.74
N ARG A 149 28.76 -6.03 -10.81
CA ARG A 149 28.54 -6.71 -9.55
C ARG A 149 28.56 -5.73 -8.39
N LEU A 150 27.65 -5.90 -7.46
CA LEU A 150 27.54 -5.05 -6.31
C LEU A 150 27.60 -5.93 -5.09
N ASP A 151 28.59 -5.69 -4.24
CA ASP A 151 28.76 -6.47 -3.01
C ASP A 151 28.10 -5.74 -1.84
N CYS A 152 27.54 -6.50 -0.90
CA CYS A 152 26.86 -5.89 0.24
C CYS A 152 26.82 -6.86 1.38
N ASP A 153 26.26 -6.43 2.50
CA ASP A 153 26.13 -7.30 3.64
C ASP A 153 24.74 -7.90 3.61
N TYR A 154 23.76 -7.09 3.26
CA TYR A 154 22.37 -7.52 3.24
C TYR A 154 21.64 -7.02 2.02
N ILE A 155 20.55 -7.69 1.69
CA ILE A 155 19.76 -7.31 0.54
C ILE A 155 18.30 -7.13 0.99
N ALA A 156 17.69 -6.00 0.64
CA ALA A 156 16.30 -5.77 1.02
C ALA A 156 15.50 -5.85 -0.26
N GLY A 157 14.65 -6.87 -0.37
CA GLY A 157 13.85 -7.03 -1.57
C GLY A 157 12.63 -6.14 -1.47
N CYS A 158 12.68 -5.00 -2.13
CA CYS A 158 11.58 -4.02 -2.10
C CYS A 158 11.07 -3.83 -3.53
N ASP A 159 11.08 -4.94 -4.26
CA ASP A 159 10.67 -4.96 -5.67
C ASP A 159 9.22 -5.30 -6.06
N GLY A 160 8.30 -5.22 -5.10
CA GLY A 160 6.91 -5.46 -5.44
C GLY A 160 6.53 -6.88 -5.74
N PHE A 161 5.26 -7.09 -6.08
CA PHE A 161 4.75 -8.42 -6.35
C PHE A 161 5.47 -9.20 -7.42
N HIS A 162 5.83 -8.53 -8.50
CA HIS A 162 6.52 -9.20 -9.60
C HIS A 162 8.04 -9.11 -9.57
N GLY A 163 8.59 -8.73 -8.42
CA GLY A 163 10.03 -8.60 -8.29
C GLY A 163 10.81 -9.89 -8.34
N ILE A 164 12.12 -9.77 -8.43
CA ILE A 164 13.00 -10.91 -8.49
C ILE A 164 13.34 -11.51 -7.13
N SER A 165 13.29 -10.72 -6.08
CA SER A 165 13.69 -11.23 -4.77
C SER A 165 12.90 -12.37 -4.20
N ARG A 166 11.57 -12.32 -4.23
CA ARG A 166 10.80 -13.43 -3.68
C ARG A 166 11.07 -14.69 -4.50
N GLN A 167 11.30 -14.51 -5.79
CA GLN A 167 11.58 -15.62 -6.69
C GLN A 167 12.96 -16.22 -6.48
N SER A 168 13.78 -15.54 -5.69
CA SER A 168 15.15 -16.00 -5.42
C SER A 168 15.28 -16.89 -4.22
N ILE A 169 14.19 -17.06 -3.47
CA ILE A 169 14.20 -17.91 -2.29
C ILE A 169 13.68 -19.28 -2.74
N PRO A 170 14.38 -20.38 -2.36
CA PRO A 170 13.96 -21.74 -2.74
C PRO A 170 12.50 -21.95 -2.34
N ALA A 171 11.65 -22.27 -3.31
CA ALA A 171 10.22 -22.45 -3.08
C ALA A 171 9.82 -23.38 -1.93
N GLU A 172 10.72 -24.29 -1.55
CA GLU A 172 10.43 -25.22 -0.46
C GLU A 172 10.61 -24.60 0.91
N ARG A 173 11.26 -23.44 0.94
CA ARG A 173 11.44 -22.76 2.22
C ARG A 173 10.21 -21.86 2.47
N LEU A 174 9.41 -21.63 1.43
CA LEU A 174 8.24 -20.76 1.50
C LEU A 174 6.87 -21.40 1.60
N LYS A 175 5.98 -20.71 2.32
CA LYS A 175 4.60 -21.13 2.54
C LYS A 175 3.73 -19.99 2.02
N VAL A 176 3.00 -20.24 0.93
CA VAL A 176 2.16 -19.24 0.29
C VAL A 176 0.64 -19.30 0.61
N PHE A 177 0.06 -18.15 0.95
CA PHE A 177 -1.37 -18.05 1.26
C PHE A 177 -1.94 -17.09 0.24
N GLU A 178 -3.03 -17.45 -0.40
CA GLU A 178 -3.57 -16.59 -1.42
C GLU A 178 -5.03 -16.81 -1.72
N ARG A 179 -5.72 -15.71 -1.98
CA ARG A 179 -7.11 -15.74 -2.37
C ARG A 179 -7.25 -14.72 -3.48
N VAL A 180 -7.89 -15.12 -4.58
CA VAL A 180 -8.13 -14.24 -5.71
C VAL A 180 -9.61 -13.89 -5.72
N TYR A 181 -9.95 -12.61 -5.82
CA TYR A 181 -11.35 -12.21 -5.86
C TYR A 181 -11.81 -12.14 -7.31
N PRO A 182 -13.10 -12.47 -7.55
CA PRO A 182 -13.68 -12.46 -8.89
C PRO A 182 -14.05 -11.08 -9.38
N PHE A 183 -13.28 -10.07 -9.01
CA PHE A 183 -13.56 -8.73 -9.50
C PHE A 183 -12.35 -7.84 -9.31
N GLY A 184 -12.39 -6.69 -9.95
CA GLY A 184 -11.32 -5.72 -9.85
C GLY A 184 -11.91 -4.34 -9.60
N TRP A 185 -11.03 -3.34 -9.49
CA TRP A 185 -11.49 -1.99 -9.30
C TRP A 185 -11.12 -1.19 -10.53
N LEU A 186 -12.09 -0.45 -11.06
CA LEU A 186 -11.84 0.42 -12.18
C LEU A 186 -11.71 1.79 -11.53
N GLY A 187 -10.50 2.33 -11.53
CA GLY A 187 -10.28 3.64 -10.91
C GLY A 187 -10.22 4.78 -11.89
N LEU A 188 -10.60 5.99 -11.45
CA LEU A 188 -10.55 7.14 -12.34
C LEU A 188 -10.07 8.36 -11.60
N LEU A 189 -9.06 9.04 -12.13
CA LEU A 189 -8.50 10.26 -11.52
C LEU A 189 -8.98 11.45 -12.35
N ALA A 190 -9.54 12.46 -11.70
CA ALA A 190 -10.07 13.64 -12.39
C ALA A 190 -9.64 14.92 -11.68
N ASP A 191 -9.58 16.00 -12.44
CA ASP A 191 -9.20 17.29 -11.92
C ASP A 191 -10.49 18.03 -11.61
N THR A 192 -11.28 17.48 -10.69
CA THR A 192 -12.55 18.08 -10.29
C THR A 192 -12.58 18.03 -8.76
N PRO A 193 -13.38 18.89 -8.11
CA PRO A 193 -13.46 18.88 -6.64
C PRO A 193 -14.10 17.60 -6.17
N PRO A 194 -13.58 16.99 -5.09
CA PRO A 194 -14.20 15.75 -4.63
C PRO A 194 -15.65 16.01 -4.21
N VAL A 195 -16.48 14.97 -4.29
CA VAL A 195 -17.89 15.07 -3.95
C VAL A 195 -18.18 15.19 -2.46
N SER A 196 -17.22 14.80 -1.63
CA SER A 196 -17.40 14.92 -0.19
C SER A 196 -16.08 15.32 0.45
N HIS A 197 -16.15 15.87 1.65
CA HIS A 197 -14.96 16.29 2.39
C HIS A 197 -14.23 15.07 2.98
N GLU A 198 -14.95 13.94 3.01
CA GLU A 198 -14.43 12.69 3.51
C GLU A 198 -14.76 11.60 2.50
N LEU A 199 -14.10 10.47 2.66
CA LEU A 199 -14.27 9.33 1.77
C LEU A 199 -15.61 8.63 1.93
N ILE A 200 -16.12 8.09 0.85
CA ILE A 200 -17.39 7.38 0.91
C ILE A 200 -17.25 6.02 0.28
N TYR A 201 -17.40 4.98 1.07
CA TYR A 201 -17.34 3.62 0.56
C TYR A 201 -18.80 3.26 0.30
N ALA A 202 -19.10 2.66 -0.84
CA ALA A 202 -20.50 2.34 -1.08
C ALA A 202 -20.80 0.93 -1.51
N ASN A 203 -21.73 0.30 -0.79
CA ASN A 203 -22.21 -1.04 -1.15
C ASN A 203 -23.54 -0.77 -1.86
N HIS A 204 -23.60 -1.13 -3.12
CA HIS A 204 -24.82 -0.91 -3.89
C HIS A 204 -25.11 -2.21 -4.59
N PRO A 205 -26.38 -2.47 -4.94
CA PRO A 205 -26.69 -3.74 -5.63
C PRO A 205 -25.92 -3.97 -6.94
N ARG A 206 -25.55 -2.90 -7.63
CA ARG A 206 -24.81 -3.00 -8.90
C ARG A 206 -23.33 -3.26 -8.70
N GLY A 207 -22.87 -3.10 -7.45
CA GLY A 207 -21.46 -3.30 -7.11
C GLY A 207 -20.92 -2.16 -6.25
N PHE A 208 -19.70 -2.34 -5.79
CA PHE A 208 -19.02 -1.37 -4.94
C PHE A 208 -18.58 -0.09 -5.67
N ALA A 209 -18.60 1.03 -4.96
CA ALA A 209 -18.16 2.31 -5.52
C ALA A 209 -17.41 3.02 -4.40
N LEU A 210 -16.40 3.80 -4.73
CA LEU A 210 -15.62 4.50 -3.71
C LEU A 210 -15.34 5.90 -4.19
N CYS A 211 -15.67 6.89 -3.36
CA CYS A 211 -15.40 8.28 -3.69
C CYS A 211 -14.24 8.76 -2.83
N SER A 212 -13.10 8.96 -3.47
CA SER A 212 -11.91 9.42 -2.77
C SER A 212 -11.37 10.71 -3.38
N GLN A 213 -10.22 11.16 -2.87
CA GLN A 213 -9.63 12.41 -3.29
C GLN A 213 -8.12 12.46 -3.18
N ARG A 214 -7.55 13.50 -3.79
CA ARG A 214 -6.11 13.71 -3.78
C ARG A 214 -5.79 15.11 -3.28
N SER A 215 -6.70 16.05 -3.52
CA SER A 215 -6.54 17.45 -3.07
C SER A 215 -7.92 18.07 -3.14
N ALA A 216 -7.99 19.38 -2.94
CA ALA A 216 -9.27 20.08 -3.01
C ALA A 216 -9.76 20.25 -4.45
N THR A 217 -8.90 19.93 -5.43
CA THR A 217 -9.24 20.05 -6.86
C THR A 217 -9.00 18.78 -7.66
N ARG A 218 -8.59 17.71 -6.98
CA ARG A 218 -8.36 16.46 -7.67
C ARG A 218 -9.05 15.32 -6.94
N SER A 219 -9.77 14.51 -7.72
CA SER A 219 -10.53 13.41 -7.19
C SER A 219 -10.15 12.06 -7.77
N ARG A 220 -10.51 11.02 -7.03
CA ARG A 220 -10.27 9.64 -7.46
C ARG A 220 -11.50 8.82 -7.10
N TYR A 221 -12.04 8.12 -8.10
CA TYR A 221 -13.24 7.31 -7.89
C TYR A 221 -12.99 5.91 -8.37
N TYR A 222 -13.63 4.93 -7.76
CA TYR A 222 -13.48 3.54 -8.19
C TYR A 222 -14.83 2.89 -8.23
N VAL A 223 -15.01 1.93 -9.10
CA VAL A 223 -16.25 1.19 -9.14
C VAL A 223 -15.80 -0.25 -9.32
N GLN A 224 -16.44 -1.17 -8.61
CA GLN A 224 -16.13 -2.59 -8.72
C GLN A 224 -16.50 -3.00 -10.13
N VAL A 225 -15.68 -3.83 -10.73
CA VAL A 225 -15.92 -4.25 -12.10
C VAL A 225 -15.43 -5.71 -12.21
N PRO A 226 -16.12 -6.54 -12.99
CA PRO A 226 -15.68 -7.94 -13.13
C PRO A 226 -14.35 -8.09 -13.90
N LEU A 227 -13.67 -9.23 -13.77
CA LEU A 227 -12.38 -9.44 -14.44
C LEU A 227 -12.38 -9.37 -15.97
N SER A 228 -13.55 -9.55 -16.58
CA SER A 228 -13.68 -9.53 -18.04
C SER A 228 -13.59 -8.14 -18.67
N GLU A 229 -13.80 -7.10 -17.88
CA GLU A 229 -13.76 -5.75 -18.41
C GLU A 229 -12.39 -5.30 -18.85
N LYS A 230 -12.39 -4.51 -19.92
CA LYS A 230 -11.19 -3.94 -20.50
C LYS A 230 -11.35 -2.45 -20.32
N VAL A 231 -10.26 -1.76 -19.98
CA VAL A 231 -10.31 -0.33 -19.77
C VAL A 231 -10.80 0.46 -21.01
N GLU A 232 -10.48 -0.03 -22.20
CA GLU A 232 -10.91 0.63 -23.42
C GLU A 232 -12.42 0.50 -23.64
N ASP A 233 -13.07 -0.33 -22.82
CA ASP A 233 -14.51 -0.53 -22.90
C ASP A 233 -15.22 0.49 -22.01
N TRP A 234 -14.45 1.27 -21.26
CA TRP A 234 -15.05 2.26 -20.37
C TRP A 234 -14.71 3.71 -20.68
N SER A 235 -15.55 4.37 -21.45
CA SER A 235 -15.28 5.76 -21.76
C SER A 235 -15.50 6.55 -20.46
N ASP A 236 -15.05 7.79 -20.44
CA ASP A 236 -15.23 8.60 -19.25
C ASP A 236 -16.70 8.66 -18.85
N GLU A 237 -17.55 8.86 -19.86
CA GLU A 237 -18.99 8.99 -19.69
C GLU A 237 -19.68 7.76 -19.13
N ARG A 238 -19.24 6.59 -19.56
CA ARG A 238 -19.78 5.35 -19.09
C ARG A 238 -19.44 5.28 -17.61
N PHE A 239 -18.21 5.62 -17.25
CA PHE A 239 -17.81 5.59 -15.85
C PHE A 239 -18.66 6.50 -14.95
N TRP A 240 -18.82 7.78 -15.31
CA TRP A 240 -19.62 8.72 -14.51
C TRP A 240 -21.06 8.28 -14.34
N THR A 241 -21.64 7.73 -15.39
CA THR A 241 -23.01 7.23 -15.36
C THR A 241 -23.15 6.03 -14.39
N GLU A 242 -22.13 5.20 -14.33
CA GLU A 242 -22.12 4.03 -13.47
C GLU A 242 -21.86 4.46 -12.03
N LEU A 243 -20.93 5.38 -11.84
CA LEU A 243 -20.60 5.88 -10.50
C LEU A 243 -21.86 6.48 -9.90
N LYS A 244 -22.52 7.33 -10.68
CA LYS A 244 -23.74 8.00 -10.23
C LYS A 244 -24.79 6.99 -9.93
N ALA A 245 -24.87 5.95 -10.75
CA ALA A 245 -25.87 4.92 -10.50
C ALA A 245 -25.66 4.18 -9.19
N ARG A 246 -24.42 4.12 -8.71
CA ARG A 246 -24.13 3.42 -7.46
C ARG A 246 -24.13 4.25 -6.18
N LEU A 247 -24.29 5.56 -6.30
CA LEU A 247 -24.27 6.41 -5.11
C LEU A 247 -25.66 6.90 -4.69
N PRO A 248 -25.81 7.27 -3.42
CA PRO A 248 -27.10 7.78 -2.97
C PRO A 248 -27.35 9.08 -3.77
N SER A 249 -28.60 9.33 -4.13
CA SER A 249 -28.96 10.50 -4.95
C SER A 249 -28.49 11.86 -4.46
N GLU A 250 -28.56 12.15 -3.16
CA GLU A 250 -28.10 13.45 -2.67
C GLU A 250 -26.60 13.67 -2.88
N VAL A 251 -25.86 12.57 -3.10
CA VAL A 251 -24.42 12.58 -3.36
C VAL A 251 -24.23 12.69 -4.88
N ALA A 252 -24.95 11.87 -5.62
CA ALA A 252 -24.85 11.89 -7.09
C ALA A 252 -25.21 13.25 -7.71
N GLU A 253 -26.20 13.94 -7.13
CA GLU A 253 -26.65 15.26 -7.62
C GLU A 253 -25.57 16.32 -7.65
N LYS A 254 -24.73 16.35 -6.62
CA LYS A 254 -23.66 17.34 -6.48
C LYS A 254 -22.29 16.94 -7.03
N LEU A 255 -22.26 15.81 -7.73
CA LEU A 255 -21.03 15.30 -8.32
C LEU A 255 -20.63 16.17 -9.51
N VAL A 256 -19.38 16.65 -9.47
CA VAL A 256 -18.80 17.44 -10.55
C VAL A 256 -17.99 16.41 -11.27
N THR A 257 -18.30 16.19 -12.54
CA THR A 257 -17.61 15.19 -13.33
C THR A 257 -16.63 15.90 -14.23
N GLY A 258 -15.86 15.12 -15.00
CA GLY A 258 -14.90 15.73 -15.91
C GLY A 258 -14.03 14.67 -16.56
N PRO A 259 -13.26 15.04 -17.57
CA PRO A 259 -12.38 14.09 -18.28
C PRO A 259 -11.32 13.46 -17.38
N SER A 260 -11.00 12.18 -17.61
CA SER A 260 -10.02 11.49 -16.78
C SER A 260 -8.58 11.83 -17.09
N LEU A 261 -7.77 11.93 -16.04
CA LEU A 261 -6.34 12.18 -16.21
C LEU A 261 -5.70 10.80 -16.30
N GLU A 262 -6.26 9.82 -15.58
CA GLU A 262 -5.76 8.46 -15.58
C GLU A 262 -6.96 7.56 -15.34
N LYS A 263 -6.91 6.35 -15.88
CA LYS A 263 -8.00 5.39 -15.75
C LYS A 263 -7.34 4.03 -15.89
N SER A 264 -7.64 3.10 -14.99
CA SER A 264 -7.04 1.75 -15.03
C SER A 264 -7.82 0.76 -14.18
N ILE A 265 -7.56 -0.53 -14.42
CA ILE A 265 -8.23 -1.59 -13.68
C ILE A 265 -7.24 -2.41 -12.90
N ALA A 266 -7.45 -2.46 -11.60
CA ALA A 266 -6.60 -3.21 -10.68
C ALA A 266 -7.40 -4.39 -10.10
N PRO A 267 -6.92 -5.62 -10.31
CA PRO A 267 -7.60 -6.79 -9.78
C PRO A 267 -7.35 -6.90 -8.27
N LEU A 268 -8.32 -7.44 -7.53
CA LEU A 268 -8.22 -7.60 -6.06
C LEU A 268 -7.56 -8.95 -5.68
N ARG A 269 -6.65 -8.92 -4.70
CA ARG A 269 -5.94 -10.13 -4.26
C ARG A 269 -5.44 -10.08 -2.82
N SER A 270 -5.32 -11.25 -2.21
CA SER A 270 -4.78 -11.40 -0.85
C SER A 270 -3.61 -12.36 -1.02
N PHE A 271 -2.47 -12.04 -0.44
CA PHE A 271 -1.30 -12.88 -0.62
C PHE A 271 -0.34 -12.63 0.49
N VAL A 272 0.16 -13.71 1.09
CA VAL A 272 1.12 -13.66 2.18
C VAL A 272 2.09 -14.81 2.01
N VAL A 273 3.36 -14.57 2.29
CA VAL A 273 4.38 -15.61 2.27
C VAL A 273 5.00 -15.64 3.64
N GLU A 274 5.34 -16.84 4.12
CA GLU A 274 6.00 -17.01 5.42
C GLU A 274 7.12 -18.03 5.24
N PRO A 275 8.36 -17.71 5.68
CA PRO A 275 8.76 -16.45 6.34
C PRO A 275 8.92 -15.32 5.33
N MET A 276 9.49 -14.20 5.73
CA MET A 276 9.67 -13.07 4.84
C MET A 276 11.15 -12.82 4.64
N GLN A 277 11.97 -13.82 4.86
CA GLN A 277 13.40 -13.65 4.74
C GLN A 277 14.08 -14.97 4.45
N HIS A 278 15.31 -14.89 3.99
CA HIS A 278 16.09 -16.07 3.67
C HIS A 278 17.55 -15.67 3.72
N GLY A 279 18.27 -16.12 4.74
CA GLY A 279 19.67 -15.77 4.85
C GLY A 279 19.82 -14.28 5.02
N ARG A 280 20.53 -13.64 4.09
CA ARG A 280 20.73 -12.20 4.17
C ARG A 280 19.76 -11.35 3.34
N LEU A 281 18.70 -12.00 2.82
CA LEU A 281 17.66 -11.35 2.04
C LEU A 281 16.40 -11.16 2.91
N PHE A 282 15.83 -9.96 2.87
CA PHE A 282 14.60 -9.67 3.64
C PHE A 282 13.61 -9.04 2.70
N LEU A 283 12.38 -9.54 2.70
CA LEU A 283 11.33 -9.02 1.83
C LEU A 283 10.56 -7.90 2.54
N ALA A 284 10.09 -6.93 1.77
CA ALA A 284 9.31 -5.83 2.35
C ALA A 284 8.26 -5.35 1.37
N GLY A 285 7.10 -4.97 1.89
CA GLY A 285 6.03 -4.49 1.03
C GLY A 285 5.41 -5.54 0.15
N ASP A 286 5.02 -5.14 -1.07
CA ASP A 286 4.37 -6.02 -2.05
C ASP A 286 5.18 -7.21 -2.43
N ALA A 287 6.47 -7.20 -2.14
CA ALA A 287 7.34 -8.33 -2.45
C ALA A 287 6.96 -9.51 -1.55
N ALA A 288 6.44 -9.19 -0.39
CA ALA A 288 6.06 -10.22 0.57
C ALA A 288 4.56 -10.46 0.72
N HIS A 289 3.71 -9.49 0.39
CA HIS A 289 2.27 -9.66 0.59
C HIS A 289 1.41 -8.65 -0.16
N ILE A 290 0.18 -9.06 -0.50
CA ILE A 290 -0.78 -8.20 -1.19
C ILE A 290 -2.10 -8.19 -0.44
N VAL A 291 -2.76 -7.04 -0.36
CA VAL A 291 -4.07 -6.94 0.28
C VAL A 291 -5.01 -6.27 -0.71
N PRO A 292 -6.31 -6.59 -0.66
CA PRO A 292 -7.18 -5.89 -1.63
C PRO A 292 -7.17 -4.46 -1.09
N PRO A 293 -7.31 -3.47 -1.97
CA PRO A 293 -7.29 -2.07 -1.52
C PRO A 293 -8.42 -1.57 -0.66
N THR A 294 -9.46 -2.38 -0.46
CA THR A 294 -10.61 -1.99 0.34
C THR A 294 -10.26 -1.38 1.70
N GLY A 295 -9.23 -1.87 2.37
CA GLY A 295 -8.86 -1.28 3.65
C GLY A 295 -7.71 -0.28 3.62
N ALA A 296 -7.17 -0.01 2.44
CA ALA A 296 -6.07 0.95 2.25
C ALA A 296 -4.86 0.55 3.06
N LYS A 297 -4.62 -0.75 3.17
CA LYS A 297 -3.48 -1.21 3.96
C LYS A 297 -2.15 -1.47 3.26
N GLY A 298 -2.18 -1.64 1.94
CA GLY A 298 -0.96 -1.95 1.19
C GLY A 298 0.31 -1.15 1.42
N LEU A 299 0.23 0.15 1.17
CA LEU A 299 1.33 1.08 1.34
C LEU A 299 1.58 1.19 2.82
N ASN A 300 0.55 0.99 3.62
CA ASN A 300 0.72 1.11 5.04
C ASN A 300 1.47 -0.07 5.65
N LEU A 301 1.26 -1.25 5.09
CA LEU A 301 1.98 -2.43 5.57
C LEU A 301 3.44 -2.31 5.13
N ALA A 302 3.65 -1.74 3.93
CA ALA A 302 4.99 -1.57 3.40
C ALA A 302 5.79 -0.70 4.37
N ALA A 303 5.14 0.33 4.89
CA ALA A 303 5.79 1.23 5.84
C ALA A 303 6.18 0.51 7.12
N SER A 304 5.31 -0.36 7.64
CA SER A 304 5.64 -1.06 8.89
C SER A 304 6.72 -2.13 8.75
N ASP A 305 6.78 -2.78 7.60
CA ASP A 305 7.83 -3.77 7.34
C ASP A 305 9.15 -3.00 7.36
N VAL A 306 9.17 -1.88 6.65
CA VAL A 306 10.34 -1.00 6.52
C VAL A 306 10.76 -0.39 7.87
N SER A 307 9.78 0.04 8.63
CA SER A 307 10.04 0.59 9.95
C SER A 307 10.71 -0.55 10.76
N THR A 308 10.19 -1.76 10.65
CA THR A 308 10.79 -2.86 11.40
C THR A 308 12.17 -3.23 10.89
N LEU A 309 12.33 -3.37 9.59
CA LEU A 309 13.64 -3.75 9.07
C LEU A 309 14.72 -2.73 9.42
N TYR A 310 14.40 -1.46 9.25
CA TYR A 310 15.30 -0.37 9.57
C TYR A 310 15.79 -0.43 11.02
N ARG A 311 14.87 -0.51 11.98
CA ARG A 311 15.29 -0.56 13.38
C ARG A 311 16.11 -1.79 13.68
N LEU A 312 15.82 -2.91 13.01
CA LEU A 312 16.61 -4.12 13.21
C LEU A 312 18.00 -3.97 12.58
N LEU A 313 18.08 -3.27 11.45
CA LEU A 313 19.39 -3.07 10.83
C LEU A 313 20.23 -2.11 11.67
N LEU A 314 19.58 -1.18 12.34
CA LEU A 314 20.29 -0.22 13.18
C LEU A 314 20.93 -0.96 14.33
N LYS A 315 20.15 -1.76 15.05
CA LYS A 315 20.67 -2.54 16.15
C LYS A 315 21.87 -3.36 15.65
N ALA A 316 21.73 -3.94 14.47
CA ALA A 316 22.79 -4.74 13.89
C ALA A 316 24.08 -3.96 13.63
N TYR A 317 23.97 -2.83 12.95
CA TYR A 317 25.15 -2.03 12.61
C TYR A 317 25.73 -1.18 13.72
N ARG A 318 24.87 -0.52 14.47
CA ARG A 318 25.31 0.38 15.53
C ARG A 318 25.62 -0.37 16.79
N GLU A 319 24.88 -1.43 17.08
CA GLU A 319 25.04 -2.18 18.32
C GLU A 319 25.62 -3.57 18.20
N GLY A 320 25.93 -3.98 16.98
CA GLY A 320 26.50 -5.29 16.81
C GLY A 320 25.55 -6.40 17.16
N ARG A 321 24.25 -6.07 17.23
CA ARG A 321 23.20 -7.06 17.54
C ARG A 321 22.66 -7.69 16.25
N GLY A 322 23.54 -8.36 15.50
CA GLY A 322 23.14 -8.97 14.24
C GLY A 322 22.15 -10.12 14.34
N GLU A 323 22.00 -10.68 15.53
CA GLU A 323 21.10 -11.81 15.74
C GLU A 323 19.61 -11.40 15.81
N LEU A 324 19.32 -10.15 16.12
CA LEU A 324 17.95 -9.71 16.22
C LEU A 324 17.24 -9.78 14.87
N LEU A 325 18.02 -9.78 13.78
CA LEU A 325 17.47 -9.83 12.42
C LEU A 325 16.66 -11.11 12.14
N GLU A 326 16.86 -12.14 12.95
CA GLU A 326 16.11 -13.37 12.79
C GLU A 326 14.64 -13.16 13.16
N ARG A 327 14.35 -12.12 13.93
CA ARG A 327 13.00 -11.84 14.39
C ARG A 327 12.13 -11.03 13.42
N TYR A 328 12.71 -10.61 12.30
CA TYR A 328 11.99 -9.81 11.32
C TYR A 328 10.61 -10.36 10.91
N SER A 329 10.59 -11.60 10.41
CA SER A 329 9.36 -12.24 9.97
C SER A 329 8.28 -12.41 11.03
N ALA A 330 8.68 -12.83 12.23
CA ALA A 330 7.72 -13.00 13.30
C ALA A 330 7.05 -11.68 13.60
N ILE A 331 7.87 -10.64 13.73
CA ILE A 331 7.39 -9.31 14.03
C ILE A 331 6.45 -8.79 12.95
N CYS A 332 6.92 -8.80 11.72
CA CYS A 332 6.11 -8.32 10.62
C CYS A 332 4.80 -9.08 10.40
N LEU A 333 4.89 -10.40 10.41
CA LEU A 333 3.74 -11.24 10.17
C LEU A 333 2.57 -11.01 11.12
N ARG A 334 2.84 -10.65 12.37
CA ARG A 334 1.74 -10.40 13.30
C ARG A 334 0.85 -9.26 12.80
N ARG A 335 1.47 -8.15 12.41
CA ARG A 335 0.72 -7.00 11.93
C ARG A 335 0.08 -7.28 10.58
N ILE A 336 0.78 -8.02 9.73
CA ILE A 336 0.31 -8.37 8.39
C ILE A 336 -0.96 -9.20 8.41
N TRP A 337 -0.99 -10.24 9.23
CA TRP A 337 -2.18 -11.06 9.29
C TRP A 337 -3.40 -10.30 9.81
N LYS A 338 -3.21 -9.39 10.75
CA LYS A 338 -4.35 -8.62 11.22
C LYS A 338 -4.82 -7.64 10.13
N ALA A 339 -3.88 -7.09 9.35
CA ALA A 339 -4.25 -6.16 8.27
C ALA A 339 -4.93 -6.94 7.16
N GLU A 340 -4.41 -8.14 6.88
CA GLU A 340 -5.02 -9.00 5.88
C GLU A 340 -6.46 -9.32 6.29
N ARG A 341 -6.68 -9.58 7.57
CA ARG A 341 -8.02 -9.90 8.04
C ARG A 341 -8.97 -8.69 7.95
N PHE A 342 -8.46 -7.53 8.30
CA PHE A 342 -9.28 -6.34 8.18
C PHE A 342 -9.65 -6.09 6.72
N SER A 343 -8.69 -6.21 5.83
CA SER A 343 -8.91 -5.99 4.39
C SER A 343 -9.91 -6.95 3.78
N TRP A 344 -9.83 -8.19 4.21
CA TRP A 344 -10.69 -9.24 3.74
C TRP A 344 -12.12 -8.94 4.21
N TRP A 345 -12.26 -8.64 5.49
CA TRP A 345 -13.56 -8.30 6.06
C TRP A 345 -14.21 -7.15 5.28
N MET A 346 -13.50 -6.02 5.19
CA MET A 346 -14.00 -4.85 4.45
C MET A 346 -14.42 -5.22 3.06
N THR A 347 -13.59 -6.01 2.40
CA THR A 347 -13.87 -6.45 1.05
C THR A 347 -15.15 -7.28 0.97
N SER A 348 -15.33 -8.23 1.88
CA SER A 348 -16.50 -9.08 1.81
C SER A 348 -17.82 -8.38 2.14
N VAL A 349 -17.78 -7.31 2.91
CA VAL A 349 -19.03 -6.64 3.25
C VAL A 349 -19.44 -5.51 2.32
N LEU A 350 -18.47 -4.92 1.63
CA LEU A 350 -18.76 -3.81 0.71
C LEU A 350 -18.95 -4.18 -0.76
N HIS A 351 -18.50 -5.36 -1.16
CA HIS A 351 -18.60 -5.79 -2.55
C HIS A 351 -19.72 -6.79 -2.83
N ARG A 352 -20.19 -6.82 -4.08
CA ARG A 352 -21.24 -7.76 -4.48
C ARG A 352 -20.56 -8.98 -5.13
N PHE A 353 -20.75 -10.16 -4.56
CA PHE A 353 -20.14 -11.38 -5.09
C PHE A 353 -21.05 -12.04 -6.13
N PRO A 354 -20.47 -12.64 -7.18
CA PRO A 354 -21.25 -13.28 -8.23
C PRO A 354 -22.30 -14.34 -7.90
N ASP A 355 -21.92 -15.42 -7.25
CA ASP A 355 -22.95 -16.43 -7.01
C ASP A 355 -23.38 -16.53 -5.56
N THR A 356 -23.96 -15.45 -5.06
CA THR A 356 -24.40 -15.43 -3.66
C THR A 356 -25.83 -15.86 -3.49
N ASP A 357 -26.06 -16.76 -2.54
CA ASP A 357 -27.40 -17.22 -2.25
C ASP A 357 -28.14 -16.16 -1.41
N ALA A 358 -29.44 -16.33 -1.20
CA ALA A 358 -30.20 -15.35 -0.40
C ALA A 358 -29.68 -15.17 1.03
N PHE A 359 -29.39 -16.27 1.71
CA PHE A 359 -28.88 -16.19 3.06
C PHE A 359 -27.64 -15.24 3.15
N SER A 360 -26.57 -15.50 2.38
CA SER A 360 -25.36 -14.68 2.40
C SER A 360 -25.60 -13.20 2.16
N GLN A 361 -26.54 -12.87 1.28
CA GLN A 361 -26.86 -11.48 1.03
C GLN A 361 -27.43 -10.86 2.28
N ARG A 362 -28.37 -11.54 2.91
CA ARG A 362 -28.95 -11.01 4.14
C ARG A 362 -27.91 -10.86 5.23
N ILE A 363 -26.97 -11.81 5.33
CA ILE A 363 -25.92 -11.74 6.36
C ILE A 363 -25.00 -10.55 6.10
N GLN A 364 -24.70 -10.31 4.82
CA GLN A 364 -23.83 -9.20 4.43
C GLN A 364 -24.44 -7.88 4.86
N GLN A 365 -25.73 -7.77 4.61
CA GLN A 365 -26.46 -6.57 4.97
C GLN A 365 -26.47 -6.43 6.49
N THR A 366 -26.72 -7.53 7.19
CA THR A 366 -26.77 -7.52 8.64
C THR A 366 -25.40 -7.23 9.29
N GLU A 367 -24.32 -7.62 8.63
CA GLU A 367 -22.97 -7.34 9.13
C GLU A 367 -22.84 -5.83 9.19
N LEU A 368 -23.23 -5.17 8.11
CA LEU A 368 -23.16 -3.71 8.05
C LEU A 368 -24.05 -3.07 9.10
N GLU A 369 -25.29 -3.51 9.18
CA GLU A 369 -26.21 -2.95 10.16
C GLU A 369 -25.72 -3.11 11.59
N TYR A 370 -25.10 -4.25 11.89
CA TYR A 370 -24.57 -4.46 13.22
C TYR A 370 -23.33 -3.60 13.46
N TYR A 371 -22.31 -3.76 12.63
CA TYR A 371 -21.08 -3.00 12.82
C TYR A 371 -21.22 -1.49 12.76
N LEU A 372 -22.17 -0.97 11.98
CA LEU A 372 -22.39 0.48 11.85
C LEU A 372 -23.33 1.08 12.90
N GLY A 373 -24.02 0.22 13.64
CA GLY A 373 -24.95 0.71 14.64
C GLY A 373 -24.54 0.40 16.07
N SER A 374 -23.43 -0.29 16.23
CA SER A 374 -22.98 -0.65 17.55
C SER A 374 -21.72 0.11 17.88
N GLU A 375 -21.68 0.70 19.08
CA GLU A 375 -20.51 1.46 19.48
C GLU A 375 -19.26 0.59 19.47
N ALA A 376 -19.42 -0.65 19.91
CA ALA A 376 -18.33 -1.60 19.92
C ALA A 376 -18.00 -2.03 18.47
N GLY A 377 -19.01 -2.18 17.62
CA GLY A 377 -18.77 -2.53 16.23
C GLY A 377 -18.00 -1.43 15.52
N LEU A 378 -18.46 -0.19 15.69
CA LEU A 378 -17.81 0.98 15.09
C LEU A 378 -16.36 1.08 15.53
N ALA A 379 -16.09 0.75 16.79
CA ALA A 379 -14.72 0.81 17.28
C ALA A 379 -13.82 -0.23 16.62
N THR A 380 -14.38 -1.39 16.23
CA THR A 380 -13.56 -2.40 15.58
C THR A 380 -13.13 -1.87 14.22
N ILE A 381 -14.04 -1.20 13.53
CA ILE A 381 -13.74 -0.65 12.21
C ILE A 381 -12.73 0.47 12.36
N ALA A 382 -13.03 1.39 13.28
CA ALA A 382 -12.16 2.53 13.52
C ALA A 382 -10.71 2.22 13.92
N GLU A 383 -10.48 1.41 14.95
CA GLU A 383 -9.09 1.12 15.36
C GLU A 383 -8.29 0.37 14.27
N ASN A 384 -8.99 -0.40 13.45
CA ASN A 384 -8.34 -1.09 12.34
C ASN A 384 -8.08 -0.15 11.20
N TYR A 385 -9.00 0.78 10.97
CA TYR A 385 -8.86 1.73 9.88
C TYR A 385 -7.73 2.71 10.10
N VAL A 386 -7.62 3.26 11.30
CA VAL A 386 -6.54 4.19 11.55
C VAL A 386 -5.20 3.47 11.59
N GLY A 387 -5.24 2.18 11.92
CA GLY A 387 -4.01 1.41 11.97
C GLY A 387 -3.70 0.93 13.36
N LEU A 388 -3.54 -0.39 13.49
CA LEU A 388 -3.21 -1.00 14.78
C LEU A 388 -1.77 -0.56 15.14
N PRO A 389 -1.43 -0.55 16.43
CA PRO A 389 -0.08 -0.14 16.86
C PRO A 389 1.12 -0.96 16.32
N TYR A 390 2.22 -0.26 16.03
CA TYR A 390 3.46 -0.87 15.55
C TYR A 390 4.07 -1.57 16.75
N GLU A 391 4.57 -2.79 16.59
CA GLU A 391 5.22 -3.49 17.68
C GLU A 391 6.64 -2.88 17.77
N GLU A 392 7.14 -2.64 18.99
CA GLU A 392 8.45 -1.99 19.13
C GLU A 392 9.75 -2.81 19.17
N ILE A 393 9.65 -4.14 19.20
CA ILE A 393 10.81 -5.05 19.23
C ILE A 393 11.53 -4.97 20.59
N GLU A 394 12.24 -6.05 20.93
CA GLU A 394 12.97 -6.15 22.20
C GLU A 394 11.98 -6.10 23.36
BR BR B . -1.39 8.50 -6.24
BR BR C . -4.19 -1.41 -0.26
PA FAD D . 6.02 -1.05 -5.67
O1A FAD D . 5.42 0.30 -5.59
O2A FAD D . 5.41 -2.03 -6.58
O5B FAD D . 7.57 -0.82 -6.06
C5B FAD D . 8.35 -1.91 -6.36
C4B FAD D . 9.42 -1.40 -7.36
O4B FAD D . 10.45 -2.31 -7.68
C3B FAD D . 8.91 -0.94 -8.72
O3B FAD D . 9.41 0.38 -8.82
C2B FAD D . 9.49 -1.89 -9.77
O2B FAD D . 9.70 -1.24 -11.09
C1B FAD D . 10.69 -2.34 -9.08
N9A FAD D . 11.16 -3.65 -9.52
C8A FAD D . 10.36 -4.72 -9.91
N7A FAD D . 11.08 -5.77 -10.35
C5A FAD D . 12.41 -5.37 -10.24
C6A FAD D . 13.58 -6.02 -10.59
N6A FAD D . 13.51 -7.24 -11.13
N1A FAD D . 14.76 -5.33 -10.40
C2A FAD D . 14.74 -4.11 -9.91
N3A FAD D . 13.63 -3.40 -9.54
C4A FAD D . 12.50 -4.09 -9.73
N1 FAD D . -3.21 0.36 -3.15
N1 FAD D . -2.11 1.20 -0.18
C2 FAD D . -4.25 1.15 -2.92
C2 FAD D . -2.52 1.94 0.88
O2 FAD D . -4.72 1.39 -1.84
O2 FAD D . -1.91 1.98 1.94
N3 FAD D . -4.96 1.55 -3.95
N3 FAD D . -3.67 2.66 0.71
C4 FAD D . -4.80 1.25 -5.24
C4 FAD D . -4.49 2.71 -0.42
O4 FAD D . -5.60 1.79 -5.99
O4 FAD D . -5.37 3.57 -0.40
C4X FAD D . -3.70 0.39 -5.49
C4X FAD D . -4.04 1.89 -1.51
N5 FAD D . -3.48 0.10 -6.77
N5 FAD D . -4.82 1.90 -2.62
C5X FAD D . -2.41 -0.69 -6.97
C5X FAD D . -4.32 1.15 -3.62
C6 FAD D . -2.18 -1.01 -8.33
C6 FAD D . -5.15 1.04 -4.74
C7 FAD D . -1.16 -1.82 -8.71
C7 FAD D . -4.82 0.30 -5.82
C7M FAD D . -0.89 -2.03 -10.21
C7M FAD D . -5.84 0.18 -6.96
C8 FAD D . -0.28 -2.37 -7.68
C8 FAD D . -3.57 -0.39 -5.83
C8M FAD D . 0.81 -3.37 -8.07
C8M FAD D . -3.08 -1.16 -7.04
C9 FAD D . -0.49 -2.06 -6.37
C9 FAD D . -2.77 -0.30 -4.76
C9A FAD D . -1.56 -1.22 -5.99
C9A FAD D . -3.11 0.46 -3.63
N10 FAD D . -1.85 -0.83 -4.66
N10 FAD D . -2.29 0.55 -2.49
C10 FAD D . -2.95 0.00 -4.41
C10 FAD D . -2.85 1.18 -1.33
C1' FAD D . -0.93 -1.19 -3.60
C1' FAD D . -1.14 -0.33 -2.35
C2' FAD D . 0.12 -0.09 -3.10
C2' FAD D . 0.22 0.32 -2.62
O2' FAD D . 0.37 0.82 -4.17
O2' FAD D . 0.14 0.91 -3.92
C3' FAD D . 1.43 -0.84 -2.80
C3' FAD D . 1.37 -0.68 -2.64
O3' FAD D . 1.23 -1.76 -1.73
O3' FAD D . 1.23 -1.67 -1.61
C4' FAD D . 2.77 -0.04 -2.70
O4' FAD D . 3.08 0.59 -3.98
C5' FAD D . 3.93 -1.00 -2.26
O5' FAD D . 5.17 -0.38 -2.45
P FAD D . 6.40 -1.25 -2.80
O1P FAD D . 7.59 -0.40 -2.78
O2P FAD D . 6.37 -2.41 -1.93
O3P FAD D . 6.04 -1.75 -4.23
C1' DOB E . -7.51 6.05 -2.86
O1' DOB E . -6.88 5.80 -3.89
O2' DOB E . -7.60 7.23 -2.59
C1 DOB E . -8.03 5.08 -2.04
C2 DOB E . -7.84 3.73 -2.28
C3 DOB E . -8.36 2.75 -1.41
C4 DOB E . -9.05 3.12 -0.27
C5 DOB E . -9.27 4.45 0.04
C6 DOB E . -8.75 5.41 -0.86
O2 DOB E . -7.10 3.27 -3.33
O4 DOB E . -9.49 2.16 0.58
#